data_9EH6
#
_entry.id   9EH6
#
_cell.length_a   56.189
_cell.length_b   46.817
_cell.length_c   76.468
_cell.angle_alpha   90.000
_cell.angle_beta   101.969
_cell.angle_gamma   90.000
#
_symmetry.space_group_name_H-M   'P 1 21 1'
#
loop_
_entity.id
_entity.type
_entity.pdbx_description
1 polymer 'Alpha/beta hydrolase fold-5 domain-containing protein'
2 water water
#
_entity_poly.entity_id   1
_entity_poly.type   'polypeptide(L)'
_entity_poly.pdbx_seq_one_letter_code
;HMLQPMAQALASLQGDDRVGVIEGRWIVFQPLAAPRSTGFIFYPGGRVDPRAYAPQARAIAEQGFLVVITPMPLNLAVFD
ADRASEVMAAFPEIEHWVIGGHSLGGAMAANFAHNHIGAVEGVVFWAAYPAQSDSLADRDDLTVYSIYGTLDGLATPDKI
EASRALLPATARFIPIEGGNHAQFGWYGEQPGDNPATISRAQQQQMTVDATVEALAVVDGGFLEHHHHHH
;
_entity_poly.pdbx_strand_id   A,B
#
# COMPACT_ATOMS: atom_id res chain seq x y z
N MET A 2 7.17 13.47 -1.44
CA MET A 2 6.79 12.82 -0.15
C MET A 2 5.39 13.32 0.26
N LEU A 3 4.60 12.44 0.92
CA LEU A 3 3.36 12.79 1.59
C LEU A 3 3.67 13.67 2.80
N GLN A 4 3.01 14.83 2.87
CA GLN A 4 3.44 15.95 3.70
C GLN A 4 2.84 15.83 5.10
N PRO A 5 3.51 16.37 6.16
CA PRO A 5 2.96 16.33 7.50
C PRO A 5 1.78 17.29 7.66
N MET A 6 0.74 16.85 8.37
CA MET A 6 -0.42 17.65 8.71
C MET A 6 0.03 18.70 9.73
N ALA A 7 -0.78 19.75 9.89
CA ALA A 7 -0.43 20.94 10.66
C ALA A 7 -0.16 20.62 12.13
N GLN A 8 -0.91 19.67 12.72
CA GLN A 8 -0.74 19.25 14.11
C GLN A 8 0.67 18.72 14.34
N ALA A 9 1.17 17.96 13.36
CA ALA A 9 2.45 17.30 13.49
C ALA A 9 3.57 18.33 13.69
N LEU A 10 3.31 19.58 13.30
CA LEU A 10 4.34 20.59 13.41
C LEU A 10 4.44 21.09 14.85
N ALA A 11 3.31 21.04 15.56
CA ALA A 11 3.29 21.43 16.97
C ALA A 11 4.23 20.56 17.80
N SER A 12 4.45 19.31 17.36
CA SER A 12 5.16 18.28 18.12
C SER A 12 6.67 18.40 18.03
N LEU A 13 7.18 19.18 17.07
CA LEU A 13 8.60 19.39 16.86
C LEU A 13 9.14 20.51 17.76
N GLN A 14 8.25 21.23 18.45
CA GLN A 14 8.67 22.35 19.27
C GLN A 14 9.01 21.80 20.66
N GLY A 15 10.28 21.94 21.06
CA GLY A 15 10.75 21.38 22.31
C GLY A 15 10.17 22.11 23.52
N ASP A 16 9.98 21.39 24.62
CA ASP A 16 9.65 22.00 25.90
C ASP A 16 10.66 21.55 26.95
N ASP A 17 10.22 21.43 28.20
CA ASP A 17 11.11 21.10 29.32
C ASP A 17 10.82 19.70 29.87
N ARG A 18 9.97 18.94 29.16
CA ARG A 18 9.83 17.50 29.34
C ARG A 18 10.62 16.75 28.26
N VAL A 19 10.51 17.25 27.02
CA VAL A 19 11.12 16.65 25.84
C VAL A 19 11.83 17.74 25.03
N GLY A 20 13.16 17.62 24.89
CA GLY A 20 13.90 18.43 23.94
C GLY A 20 13.86 17.79 22.54
N VAL A 21 13.71 18.62 21.51
CA VAL A 21 13.65 18.09 20.16
C VAL A 21 14.76 18.74 19.34
N ILE A 22 15.56 17.92 18.66
CA ILE A 22 16.60 18.36 17.75
C ILE A 22 16.29 17.84 16.34
N GLU A 23 16.23 18.77 15.38
CA GLU A 23 16.05 18.42 13.98
C GLU A 23 17.38 18.66 13.30
N GLY A 24 18.10 17.58 12.99
CA GLY A 24 19.34 17.66 12.26
C GLY A 24 19.32 16.62 11.16
N ARG A 25 20.30 15.71 11.17
CA ARG A 25 20.28 14.58 10.28
C ARG A 25 19.20 13.59 10.74
N TRP A 26 18.77 13.69 12.01
CA TRP A 26 17.65 12.90 12.50
C TRP A 26 16.69 13.84 13.20
N ILE A 27 15.52 13.32 13.55
CA ILE A 27 14.68 14.04 14.48
C ILE A 27 14.76 13.34 15.83
N VAL A 28 15.35 14.03 16.81
CA VAL A 28 15.66 13.44 18.10
C VAL A 28 14.69 14.01 19.12
N PHE A 29 14.04 13.12 19.88
CA PHE A 29 13.16 13.47 20.99
C PHE A 29 13.76 12.94 22.29
N GLN A 30 14.37 13.87 23.05
CA GLN A 30 15.16 13.56 24.22
C GLN A 30 14.30 13.83 25.45
N PRO A 31 13.92 12.80 26.24
CA PRO A 31 13.27 13.03 27.52
C PRO A 31 14.26 13.75 28.43
N LEU A 32 13.79 14.79 29.12
CA LEU A 32 14.62 15.60 30.01
C LEU A 32 14.20 15.37 31.46
N ALA A 33 12.99 14.83 31.68
CA ALA A 33 12.47 14.46 32.98
C ALA A 33 13.39 13.42 33.62
N ALA A 34 12.95 12.17 33.77
CA ALA A 34 13.87 11.11 34.18
C ALA A 34 14.06 10.12 33.03
N PRO A 35 15.18 10.18 32.29
CA PRO A 35 15.32 9.38 31.07
C PRO A 35 15.61 7.90 31.35
N ARG A 36 14.91 7.01 30.62
CA ARG A 36 15.11 5.58 30.76
C ARG A 36 16.37 5.18 30.01
N SER A 37 16.84 3.95 30.24
CA SER A 37 18.11 3.50 29.71
C SER A 37 17.94 2.86 28.34
N THR A 38 16.69 2.89 27.83
CA THR A 38 16.32 2.26 26.57
C THR A 38 16.01 3.36 25.56
N GLY A 39 16.54 3.19 24.34
CA GLY A 39 16.24 4.10 23.24
C GLY A 39 15.46 3.41 22.13
N PHE A 40 14.68 4.21 21.37
CA PHE A 40 13.91 3.69 20.24
C PHE A 40 14.38 4.33 18.92
N ILE A 41 14.82 3.49 17.96
CA ILE A 41 15.16 4.03 16.66
C ILE A 41 14.02 3.75 15.67
N PHE A 42 13.51 4.80 15.01
CA PHE A 42 12.31 4.65 14.21
C PHE A 42 12.57 4.92 12.73
N TYR A 43 12.14 4.00 11.85
CA TYR A 43 12.23 4.16 10.41
C TYR A 43 10.86 4.58 9.85
N PRO A 44 10.77 5.73 9.12
CA PRO A 44 9.51 6.18 8.53
C PRO A 44 9.00 5.29 7.40
N GLY A 45 7.70 5.38 7.10
CA GLY A 45 7.15 4.68 5.94
C GLY A 45 7.67 5.28 4.63
N GLY A 46 7.58 4.48 3.54
CA GLY A 46 8.04 4.90 2.23
C GLY A 46 7.26 6.13 1.77
N ARG A 47 8.00 7.15 1.33
CA ARG A 47 7.46 8.39 0.76
C ARG A 47 6.76 9.27 1.79
N VAL A 48 6.92 9.00 3.09
CA VAL A 48 6.27 9.83 4.10
C VAL A 48 7.29 10.81 4.69
N ASP A 49 6.93 12.10 4.76
CA ASP A 49 7.79 13.07 5.42
C ASP A 49 8.00 12.58 6.85
N PRO A 50 9.28 12.42 7.31
CA PRO A 50 9.57 11.89 8.63
C PRO A 50 8.94 12.67 9.77
N ARG A 51 8.63 13.94 9.54
CA ARG A 51 8.08 14.77 10.60
C ARG A 51 6.64 14.35 10.88
N ALA A 52 6.09 13.47 10.01
CA ALA A 52 4.68 13.08 10.11
C ALA A 52 4.47 12.18 11.31
N TYR A 53 5.58 11.62 11.81
CA TYR A 53 5.57 10.73 12.97
C TYR A 53 5.85 11.50 14.26
N ALA A 54 6.03 12.83 14.18
CA ALA A 54 6.49 13.58 15.35
C ALA A 54 5.51 13.50 16.53
N PRO A 55 4.17 13.49 16.34
CA PRO A 55 3.24 13.27 17.45
C PRO A 55 3.45 11.95 18.20
N GLN A 56 3.64 10.84 17.48
CA GLN A 56 3.82 9.59 18.18
C GLN A 56 5.15 9.58 18.92
N ALA A 57 6.20 10.12 18.26
CA ALA A 57 7.53 10.07 18.85
C ALA A 57 7.55 10.90 20.13
N ARG A 58 6.93 12.08 20.08
CA ARG A 58 6.84 12.96 21.23
C ARG A 58 6.05 12.29 22.35
N ALA A 59 4.90 11.66 22.07
CA ALA A 59 4.16 10.99 23.14
C ALA A 59 4.99 9.88 23.79
N ILE A 60 5.88 9.22 23.04
CA ILE A 60 6.69 8.13 23.61
C ILE A 60 7.81 8.71 24.48
N ALA A 61 8.43 9.80 24.02
CA ALA A 61 9.50 10.48 24.76
C ALA A 61 8.94 11.09 26.06
N GLU A 62 7.63 11.40 26.05
CA GLU A 62 6.97 11.94 27.22
C GLU A 62 6.85 10.90 28.34
N GLN A 63 6.86 9.61 27.98
CA GLN A 63 6.82 8.51 28.94
C GLN A 63 8.23 8.06 29.33
N GLY A 64 9.26 8.78 28.88
CA GLY A 64 10.59 8.50 29.42
C GLY A 64 11.64 8.02 28.41
N PHE A 65 11.24 7.64 27.20
CA PHE A 65 12.16 6.94 26.30
C PHE A 65 12.64 7.85 25.16
N LEU A 66 13.95 7.84 24.89
CA LEU A 66 14.47 8.55 23.73
C LEU A 66 13.86 7.95 22.45
N VAL A 67 13.44 8.83 21.51
CA VAL A 67 13.06 8.39 20.18
C VAL A 67 13.92 9.16 19.18
N VAL A 68 14.48 8.44 18.21
CA VAL A 68 15.15 9.10 17.09
C VAL A 68 14.52 8.65 15.77
N ILE A 69 13.88 9.58 15.05
CA ILE A 69 13.40 9.29 13.70
C ILE A 69 14.58 9.51 12.75
N THR A 70 14.97 8.46 12.01
CA THR A 70 16.09 8.54 11.09
C THR A 70 15.55 8.41 9.66
N PRO A 71 15.56 9.50 8.85
CA PRO A 71 14.98 9.47 7.50
C PRO A 71 15.74 8.51 6.57
N MET A 72 15.05 7.96 5.58
CA MET A 72 15.73 7.25 4.51
C MET A 72 16.22 8.31 3.52
N PRO A 73 17.29 8.06 2.72
CA PRO A 73 17.86 9.12 1.89
C PRO A 73 16.86 9.50 0.80
N LEU A 74 16.92 10.77 0.34
CA LEU A 74 15.90 11.41 -0.49
C LEU A 74 15.47 10.56 -1.68
N ASN A 75 16.38 9.66 -2.12
CA ASN A 75 16.14 8.87 -3.32
C ASN A 75 15.70 7.45 -2.95
N LEU A 76 14.48 7.11 -3.40
CA LEU A 76 13.85 5.80 -3.25
C LEU A 76 14.75 4.65 -3.74
N ALA A 77 15.77 4.96 -4.55
CA ALA A 77 16.59 3.93 -5.19
C ALA A 77 17.79 3.52 -4.32
N VAL A 78 18.12 4.32 -3.30
CA VAL A 78 19.15 3.93 -2.34
C VAL A 78 18.44 3.31 -1.13
N PHE A 79 19.11 2.35 -0.45
CA PHE A 79 18.46 1.54 0.57
C PHE A 79 18.74 2.09 1.98
N ASP A 80 19.85 1.62 2.55
CA ASP A 80 20.38 1.94 3.86
C ASP A 80 19.40 1.61 5.00
N ALA A 81 19.26 0.31 5.29
CA ALA A 81 18.63 -0.14 6.51
C ALA A 81 19.64 -0.13 7.67
N ASP A 82 20.90 0.22 7.35
CA ASP A 82 22.04 0.21 8.26
C ASP A 82 22.14 1.50 9.07
N ARG A 83 21.26 2.44 8.70
CA ARG A 83 21.03 3.76 9.27
C ARG A 83 21.13 3.76 10.79
N ALA A 84 20.59 2.71 11.46
CA ALA A 84 20.49 2.68 12.91
C ALA A 84 21.87 2.70 13.58
N SER A 85 22.88 2.15 12.90
CA SER A 85 24.25 2.09 13.38
C SER A 85 24.73 3.47 13.81
N GLU A 86 24.56 4.45 12.92
CA GLU A 86 25.04 5.78 13.15
C GLU A 86 24.29 6.42 14.33
N VAL A 87 23.01 6.07 14.54
CA VAL A 87 22.30 6.64 15.68
C VAL A 87 22.94 6.13 16.97
N MET A 88 23.22 4.82 17.00
CA MET A 88 23.79 4.17 18.17
C MET A 88 25.13 4.78 18.56
N ALA A 89 26.00 5.05 17.57
CA ALA A 89 27.27 5.75 17.77
C ALA A 89 27.09 7.08 18.52
N ALA A 90 25.92 7.74 18.38
CA ALA A 90 25.73 9.12 18.83
C ALA A 90 25.25 9.19 20.27
N PHE A 91 24.71 8.07 20.77
CA PHE A 91 24.16 7.97 22.11
C PHE A 91 24.86 6.84 22.89
N PRO A 92 26.15 7.02 23.25
CA PRO A 92 26.90 5.97 23.97
C PRO A 92 26.34 5.54 25.32
N GLU A 93 25.48 6.38 25.93
CA GLU A 93 25.00 6.17 27.28
C GLU A 93 23.67 5.40 27.34
N ILE A 94 23.04 5.14 26.19
CA ILE A 94 21.84 4.30 26.12
C ILE A 94 22.30 2.85 26.23
N GLU A 95 21.58 2.09 27.07
CA GLU A 95 22.04 0.77 27.43
C GLU A 95 21.33 -0.28 26.58
N HIS A 96 20.08 -0.01 26.19
CA HIS A 96 19.29 -0.95 25.40
C HIS A 96 18.66 -0.24 24.20
N TRP A 97 18.72 -0.92 23.04
CA TRP A 97 18.16 -0.39 21.82
C TRP A 97 16.97 -1.23 21.34
N VAL A 98 15.92 -0.53 20.92
CA VAL A 98 14.82 -1.12 20.18
C VAL A 98 14.70 -0.39 18.84
N ILE A 99 14.53 -1.16 17.75
CA ILE A 99 14.31 -0.57 16.44
C ILE A 99 12.85 -0.86 16.06
N GLY A 100 12.29 0.02 15.25
CA GLY A 100 10.95 -0.17 14.71
C GLY A 100 10.76 0.70 13.48
N GLY A 101 9.58 0.62 12.88
CA GLY A 101 9.22 1.50 11.78
C GLY A 101 7.78 1.29 11.32
N HIS A 102 7.34 2.17 10.43
CA HIS A 102 6.02 2.05 9.80
C HIS A 102 6.19 1.50 8.40
N SER A 103 5.45 0.42 8.11
CA SER A 103 5.32 -0.06 6.75
C SER A 103 6.70 -0.48 6.24
N LEU A 104 7.15 0.08 5.10
CA LEU A 104 8.49 -0.19 4.58
C LEU A 104 9.56 0.04 5.65
N GLY A 105 9.36 1.07 6.49
CA GLY A 105 10.26 1.33 7.61
C GLY A 105 10.37 0.13 8.57
N GLY A 106 9.23 -0.52 8.87
CA GLY A 106 9.18 -1.72 9.67
C GLY A 106 9.98 -2.87 9.03
N ALA A 107 9.86 -3.03 7.71
CA ALA A 107 10.57 -4.09 7.03
C ALA A 107 12.07 -3.81 7.11
N MET A 108 12.43 -2.57 6.89
CA MET A 108 13.85 -2.22 6.92
C MET A 108 14.41 -2.43 8.34
N ALA A 109 13.57 -2.22 9.35
CA ALA A 109 14.00 -2.38 10.73
C ALA A 109 14.30 -3.85 11.00
N ALA A 110 13.50 -4.74 10.39
CA ALA A 110 13.65 -6.18 10.55
C ALA A 110 14.95 -6.62 9.87
N ASN A 111 15.20 -6.03 8.69
CA ASN A 111 16.45 -6.23 7.97
C ASN A 111 17.65 -5.91 8.87
N PHE A 112 17.59 -4.76 9.56
CA PHE A 112 18.68 -4.33 10.42
C PHE A 112 18.89 -5.35 11.55
N ALA A 113 17.78 -5.79 12.18
CA ALA A 113 17.79 -6.76 13.27
C ALA A 113 18.26 -8.12 12.78
N HIS A 114 17.87 -8.48 11.55
CA HIS A 114 18.32 -9.73 10.99
C HIS A 114 19.86 -9.76 10.86
N ASN A 115 20.47 -8.63 10.47
CA ASN A 115 21.84 -8.55 9.96
C ASN A 115 22.82 -7.96 10.99
N HIS A 116 22.32 -7.58 12.18
CA HIS A 116 23.10 -6.95 13.23
C HIS A 116 22.74 -7.58 14.57
N ILE A 117 23.13 -8.83 14.75
CA ILE A 117 22.69 -9.64 15.87
C ILE A 117 23.31 -9.08 17.15
N GLY A 118 22.45 -8.76 18.11
CA GLY A 118 22.86 -8.21 19.39
C GLY A 118 22.95 -6.67 19.41
N ALA A 119 22.78 -6.03 18.24
CA ALA A 119 22.74 -4.56 18.19
C ALA A 119 21.42 -4.01 18.73
N VAL A 120 20.31 -4.76 18.64
CA VAL A 120 19.09 -4.37 19.32
C VAL A 120 18.58 -5.53 20.16
N GLU A 121 17.71 -5.22 21.11
CA GLU A 121 17.02 -6.26 21.87
C GLU A 121 15.52 -6.31 21.55
N GLY A 122 15.05 -5.44 20.66
CA GLY A 122 13.63 -5.46 20.36
C GLY A 122 13.32 -4.87 18.98
N VAL A 123 12.15 -5.24 18.42
CA VAL A 123 11.68 -4.67 17.18
C VAL A 123 10.18 -4.42 17.32
N VAL A 124 9.75 -3.22 16.90
CA VAL A 124 8.35 -2.84 16.95
C VAL A 124 7.91 -2.45 15.54
N PHE A 125 6.95 -3.23 15.01
CA PHE A 125 6.34 -2.96 13.72
C PHE A 125 5.08 -2.14 13.93
N TRP A 126 4.91 -1.08 13.13
CA TRP A 126 3.63 -0.43 12.94
C TRP A 126 3.18 -0.75 11.52
N ALA A 127 2.11 -1.53 11.38
CA ALA A 127 1.62 -1.93 10.07
C ALA A 127 2.76 -2.48 9.21
N ALA A 128 3.55 -3.42 9.76
CA ALA A 128 4.67 -3.93 8.98
C ALA A 128 4.99 -5.36 9.37
N TYR A 129 5.94 -5.97 8.65
CA TYR A 129 6.35 -7.35 8.81
C TYR A 129 7.67 -7.49 8.07
N PRO A 130 8.52 -8.48 8.40
CA PRO A 130 9.79 -8.65 7.69
C PRO A 130 9.54 -9.30 6.33
N ALA A 131 10.46 -9.06 5.41
CA ALA A 131 10.62 -9.90 4.24
C ALA A 131 11.04 -11.30 4.69
N GLN A 132 10.65 -12.29 3.89
CA GLN A 132 11.09 -13.67 4.01
C GLN A 132 12.58 -13.76 4.31
N SER A 133 13.40 -13.07 3.53
CA SER A 133 14.85 -13.21 3.60
C SER A 133 15.38 -12.54 4.86
N ASP A 134 14.48 -11.93 5.63
CA ASP A 134 14.83 -11.21 6.85
C ASP A 134 14.13 -11.86 8.04
N SER A 135 13.89 -13.18 7.94
CA SER A 135 13.16 -13.88 8.98
C SER A 135 13.76 -13.60 10.37
N LEU A 136 12.90 -13.34 11.38
CA LEU A 136 13.33 -13.33 12.77
C LEU A 136 12.74 -14.53 13.52
N ALA A 137 12.46 -15.63 12.78
CA ALA A 137 11.73 -16.80 13.26
C ALA A 137 12.24 -17.33 14.60
N ASP A 138 13.54 -17.56 14.76
CA ASP A 138 13.85 -18.20 16.05
C ASP A 138 14.70 -17.27 16.92
N ARG A 139 14.48 -15.97 16.75
CA ARG A 139 15.26 -14.95 17.43
C ARG A 139 14.63 -14.69 18.79
N ASP A 140 14.83 -15.64 19.70
CA ASP A 140 14.22 -15.55 21.01
C ASP A 140 14.93 -14.52 21.89
N ASP A 141 15.97 -13.86 21.34
CA ASP A 141 16.64 -12.78 22.05
C ASP A 141 15.86 -11.48 21.92
N LEU A 142 14.90 -11.45 20.99
CA LEU A 142 14.21 -10.21 20.66
C LEU A 142 12.84 -10.18 21.32
N THR A 143 12.48 -9.01 21.85
CA THR A 143 11.10 -8.69 22.17
C THR A 143 10.46 -8.10 20.90
N VAL A 144 9.45 -8.78 20.36
CA VAL A 144 8.84 -8.31 19.13
C VAL A 144 7.38 -7.97 19.40
N TYR A 145 6.99 -6.75 18.99
CA TYR A 145 5.61 -6.29 19.03
C TYR A 145 5.21 -5.96 17.60
N SER A 146 3.99 -6.36 17.21
CA SER A 146 3.50 -6.04 15.89
C SER A 146 2.13 -5.39 16.01
N ILE A 147 2.09 -4.09 15.71
CA ILE A 147 0.91 -3.28 15.99
C ILE A 147 0.26 -2.99 14.65
N TYR A 148 -1.04 -3.29 14.52
CA TYR A 148 -1.61 -3.29 13.19
C TYR A 148 -3.05 -2.80 13.27
N GLY A 149 -3.50 -2.20 12.16
CA GLY A 149 -4.85 -1.71 12.06
C GLY A 149 -5.71 -2.71 11.29
N THR A 150 -6.91 -3.01 11.82
CA THR A 150 -7.72 -4.09 11.31
C THR A 150 -8.35 -3.72 9.97
N LEU A 151 -8.36 -2.43 9.63
CA LEU A 151 -8.90 -1.97 8.36
C LEU A 151 -7.79 -1.55 7.40
N ASP A 152 -6.53 -1.79 7.78
CA ASP A 152 -5.39 -1.42 6.96
C ASP A 152 -5.51 -2.05 5.56
N GLY A 153 -5.45 -1.21 4.52
CA GLY A 153 -5.67 -1.72 3.17
C GLY A 153 -4.39 -2.18 2.48
N LEU A 154 -3.21 -1.82 3.03
CA LEU A 154 -1.94 -2.17 2.38
C LEU A 154 -1.34 -3.40 3.05
N ALA A 155 -1.14 -3.31 4.37
CA ALA A 155 -0.70 -4.46 5.14
C ALA A 155 -1.92 -4.97 5.91
N THR A 156 -2.68 -5.87 5.28
CA THR A 156 -3.99 -6.30 5.81
C THR A 156 -3.80 -7.24 7.00
N PRO A 157 -4.81 -7.42 7.88
CA PRO A 157 -4.71 -8.38 8.99
C PRO A 157 -4.26 -9.77 8.56
N ASP A 158 -4.77 -10.26 7.42
CA ASP A 158 -4.41 -11.59 6.93
C ASP A 158 -2.90 -11.65 6.68
N LYS A 159 -2.36 -10.61 6.05
CA LYS A 159 -0.94 -10.53 5.76
C LYS A 159 -0.11 -10.46 7.05
N ILE A 160 -0.57 -9.70 8.06
CA ILE A 160 0.18 -9.49 9.29
C ILE A 160 0.27 -10.82 10.07
N GLU A 161 -0.87 -11.51 10.15
CA GLU A 161 -0.98 -12.80 10.82
C GLU A 161 -0.05 -13.81 10.16
N ALA A 162 0.10 -13.75 8.83
CA ALA A 162 1.00 -14.68 8.15
C ALA A 162 2.45 -14.43 8.57
N SER A 163 2.76 -13.21 9.01
CA SER A 163 4.14 -12.92 9.39
C SER A 163 4.52 -13.56 10.73
N ARG A 164 3.57 -14.22 11.41
CA ARG A 164 3.95 -14.98 12.61
C ARG A 164 5.09 -15.95 12.30
N ALA A 165 5.09 -16.58 11.13
CA ALA A 165 6.12 -17.54 10.78
C ALA A 165 7.51 -16.89 10.71
N LEU A 166 7.58 -15.55 10.60
CA LEU A 166 8.85 -14.83 10.42
C LEU A 166 9.25 -14.11 11.71
N LEU A 167 8.54 -14.40 12.80
CA LEU A 167 8.77 -13.73 14.06
C LEU A 167 8.88 -14.75 15.21
N PRO A 168 9.56 -14.39 16.32
CA PRO A 168 9.65 -15.27 17.51
C PRO A 168 8.27 -15.67 17.99
N ALA A 169 8.22 -16.87 18.59
CA ALA A 169 7.01 -17.47 19.13
C ALA A 169 6.35 -16.51 20.12
N THR A 170 7.18 -15.77 20.87
CA THR A 170 6.74 -14.87 21.93
C THR A 170 6.32 -13.49 21.40
N ALA A 171 6.30 -13.27 20.08
CA ALA A 171 5.86 -11.97 19.53
C ALA A 171 4.45 -11.60 19.99
N ARG A 172 4.25 -10.29 20.26
CA ARG A 172 2.94 -9.82 20.68
C ARG A 172 2.28 -9.04 19.54
N PHE A 173 1.19 -9.60 19.03
CA PHE A 173 0.42 -8.90 18.01
C PHE A 173 -0.62 -8.03 18.69
N ILE A 174 -0.60 -6.73 18.39
CA ILE A 174 -1.53 -5.79 19.00
C ILE A 174 -2.46 -5.27 17.91
N PRO A 175 -3.73 -5.73 17.90
CA PRO A 175 -4.72 -5.25 16.92
C PRO A 175 -5.23 -3.87 17.31
N ILE A 176 -5.24 -2.93 16.36
CA ILE A 176 -5.94 -1.66 16.56
C ILE A 176 -7.25 -1.71 15.78
N GLU A 177 -8.36 -1.98 16.50
CA GLU A 177 -9.64 -2.31 15.89
C GLU A 177 -10.24 -1.07 15.23
N GLY A 178 -10.44 -1.12 13.90
CA GLY A 178 -10.88 0.02 13.12
C GLY A 178 -9.73 0.94 12.66
N GLY A 179 -8.48 0.61 13.03
CA GLY A 179 -7.36 1.42 12.59
C GLY A 179 -6.99 1.05 11.16
N ASN A 180 -6.36 2.00 10.43
CA ASN A 180 -5.86 1.79 9.09
C ASN A 180 -4.36 2.07 9.01
N HIS A 181 -3.84 2.12 7.79
CA HIS A 181 -2.42 2.22 7.53
C HIS A 181 -1.92 3.63 7.82
N ALA A 182 -2.72 4.62 7.38
CA ALA A 182 -2.33 6.02 7.35
C ALA A 182 -2.21 6.63 8.75
N GLN A 183 -3.01 6.13 9.70
CA GLN A 183 -3.15 6.76 11.01
C GLN A 183 -2.01 6.32 11.94
N PHE A 184 -0.98 5.62 11.37
CA PHE A 184 0.27 5.41 12.09
C PHE A 184 1.15 6.69 12.08
N GLY A 185 0.72 7.72 11.34
CA GLY A 185 1.36 9.02 11.38
C GLY A 185 0.34 10.12 11.10
N TRP A 186 0.82 11.37 10.93
CA TRP A 186 -0.05 12.51 10.67
C TRP A 186 0.29 13.09 9.30
N TYR A 187 -0.14 12.39 8.24
CA TYR A 187 0.13 12.79 6.87
C TYR A 187 -1.19 12.78 6.10
N GLY A 188 -1.18 12.63 4.78
CA GLY A 188 -2.51 12.60 4.16
C GLY A 188 -3.40 11.39 4.56
N GLU A 189 -4.44 11.16 3.75
CA GLU A 189 -4.97 9.82 3.54
C GLU A 189 -3.86 9.03 2.84
N GLN A 190 -3.87 7.71 2.94
CA GLN A 190 -2.84 6.91 2.32
C GLN A 190 -3.40 6.30 1.04
N PRO A 191 -2.75 6.53 -0.13
CA PRO A 191 -3.10 5.85 -1.38
C PRO A 191 -3.14 4.34 -1.18
N GLY A 192 -4.27 3.72 -1.55
CA GLY A 192 -4.48 2.28 -1.45
C GLY A 192 -5.11 1.79 -0.15
N ASP A 193 -5.34 2.69 0.82
CA ASP A 193 -5.77 2.30 2.17
C ASP A 193 -7.30 2.35 2.22
N ASN A 194 -7.87 1.88 3.35
CA ASN A 194 -9.29 2.06 3.60
C ASN A 194 -9.45 3.17 4.62
N PRO A 195 -10.66 3.76 4.78
CA PRO A 195 -10.93 4.65 5.91
C PRO A 195 -10.95 3.94 7.26
N ALA A 196 -10.45 4.60 8.31
CA ALA A 196 -10.52 4.09 9.67
C ALA A 196 -11.92 4.35 10.21
N THR A 197 -12.28 3.65 11.28
CA THR A 197 -13.52 3.90 11.99
C THR A 197 -13.21 4.43 13.38
N ILE A 198 -11.92 4.72 13.67
CA ILE A 198 -11.50 5.38 14.90
C ILE A 198 -10.70 6.63 14.52
N SER A 199 -10.64 7.59 15.44
CA SER A 199 -9.95 8.86 15.23
C SER A 199 -8.45 8.61 15.19
N ARG A 200 -7.69 9.56 14.62
CA ARG A 200 -6.23 9.49 14.65
C ARG A 200 -5.74 9.50 16.11
N ALA A 201 -6.43 10.24 16.99
CA ALA A 201 -6.08 10.32 18.41
C ALA A 201 -6.14 8.95 19.08
N GLN A 202 -7.24 8.20 18.89
CA GLN A 202 -7.36 6.90 19.55
C GLN A 202 -6.34 5.90 19.00
N GLN A 203 -6.18 5.89 17.67
CA GLN A 203 -5.14 5.09 17.05
C GLN A 203 -3.75 5.47 17.58
N GLN A 204 -3.47 6.77 17.71
CA GLN A 204 -2.15 7.20 18.16
C GLN A 204 -1.91 6.72 19.60
N GLN A 205 -2.90 6.95 20.48
CA GLN A 205 -2.90 6.53 21.87
C GLN A 205 -2.61 5.02 21.98
N MET A 206 -3.28 4.23 21.16
CA MET A 206 -3.07 2.80 21.20
C MET A 206 -1.69 2.43 20.65
N THR A 207 -1.18 3.17 19.66
CA THR A 207 0.14 2.86 19.10
C THR A 207 1.23 3.24 20.10
N VAL A 208 1.05 4.38 20.79
CA VAL A 208 2.00 4.85 21.80
C VAL A 208 2.07 3.86 22.97
N ASP A 209 0.90 3.45 23.48
CA ASP A 209 0.83 2.62 24.67
C ASP A 209 1.54 1.29 24.42
N ALA A 210 1.24 0.65 23.29
CA ALA A 210 1.84 -0.64 22.96
C ALA A 210 3.35 -0.50 22.76
N THR A 211 3.80 0.57 22.08
CA THR A 211 5.22 0.78 21.84
C THR A 211 5.92 1.01 23.18
N VAL A 212 5.31 1.84 24.04
CA VAL A 212 5.87 2.11 25.35
C VAL A 212 5.98 0.79 26.10
N GLU A 213 4.91 -0.03 26.08
CA GLU A 213 4.91 -1.29 26.79
C GLU A 213 6.12 -2.12 26.37
N ALA A 214 6.43 -2.13 25.07
CA ALA A 214 7.54 -2.88 24.52
C ALA A 214 8.90 -2.31 24.98
N LEU A 215 9.03 -0.97 25.00
CA LEU A 215 10.29 -0.41 25.47
C LEU A 215 10.52 -0.74 26.95
N ALA A 216 9.45 -0.69 27.75
CA ALA A 216 9.52 -0.99 29.18
C ALA A 216 9.94 -2.45 29.37
N VAL A 217 9.42 -3.34 28.54
CA VAL A 217 9.78 -4.75 28.68
C VAL A 217 11.30 -4.89 28.58
N VAL A 218 11.90 -4.42 27.47
CA VAL A 218 13.33 -4.51 27.18
C VAL A 218 14.12 -3.80 28.26
N ASP A 219 13.57 -2.68 28.73
CA ASP A 219 14.18 -1.87 29.75
C ASP A 219 14.20 -2.65 31.06
N MET B 2 -9.08 -13.82 0.79
CA MET B 2 -9.56 -13.04 -0.38
C MET B 2 -10.87 -13.66 -0.87
N LEU B 3 -11.74 -12.85 -1.50
CA LEU B 3 -12.96 -13.36 -2.14
C LEU B 3 -12.60 -14.24 -3.34
N GLN B 4 -13.26 -15.40 -3.43
CA GLN B 4 -12.87 -16.54 -4.26
C GLN B 4 -13.45 -16.45 -5.68
N PRO B 5 -12.68 -16.88 -6.70
CA PRO B 5 -13.18 -16.90 -8.08
C PRO B 5 -14.34 -17.86 -8.28
N MET B 6 -15.34 -17.45 -9.06
CA MET B 6 -16.47 -18.28 -9.46
C MET B 6 -16.01 -19.22 -10.60
N ALA B 7 -16.74 -20.33 -10.78
CA ALA B 7 -16.41 -21.36 -11.76
C ALA B 7 -16.07 -20.78 -13.13
N GLN B 8 -16.78 -19.73 -13.56
CA GLN B 8 -16.61 -19.19 -14.89
C GLN B 8 -15.26 -18.47 -15.00
N ALA B 9 -14.78 -17.92 -13.86
CA ALA B 9 -13.45 -17.36 -13.80
C ALA B 9 -12.45 -18.45 -14.17
N LEU B 10 -12.59 -19.60 -13.51
CA LEU B 10 -11.64 -20.70 -13.64
C LEU B 10 -11.55 -21.20 -15.09
N ALA B 11 -12.68 -21.27 -15.80
CA ALA B 11 -12.67 -21.69 -17.19
C ALA B 11 -11.93 -20.69 -18.07
N SER B 12 -11.87 -19.42 -17.65
CA SER B 12 -11.28 -18.37 -18.47
C SER B 12 -9.75 -18.45 -18.49
N LEU B 13 -9.21 -19.19 -17.51
CA LEU B 13 -7.78 -19.32 -17.32
C LEU B 13 -7.21 -20.30 -18.35
N GLN B 14 -8.12 -20.91 -19.11
CA GLN B 14 -7.76 -21.86 -20.15
C GLN B 14 -7.58 -21.09 -21.45
N GLY B 15 -6.83 -21.67 -22.38
CA GLY B 15 -6.53 -20.93 -23.61
C GLY B 15 -7.52 -21.22 -24.74
N ASP B 16 -8.39 -20.24 -25.05
CA ASP B 16 -9.19 -20.27 -26.28
C ASP B 16 -8.26 -20.06 -27.47
N ASP B 17 -8.83 -19.93 -28.67
CA ASP B 17 -8.00 -20.01 -29.87
C ASP B 17 -7.28 -18.68 -30.12
N ARG B 18 -7.87 -17.58 -29.64
CA ARG B 18 -7.31 -16.26 -29.88
C ARG B 18 -6.42 -15.79 -28.73
N VAL B 19 -6.45 -16.46 -27.56
CA VAL B 19 -5.78 -15.94 -26.37
C VAL B 19 -5.05 -17.06 -25.63
N GLY B 20 -3.74 -16.89 -25.39
CA GLY B 20 -2.98 -17.78 -24.50
C GLY B 20 -2.80 -17.25 -23.07
N VAL B 21 -2.85 -18.16 -22.10
CA VAL B 21 -2.86 -17.75 -20.71
C VAL B 21 -1.68 -18.41 -20.00
N ILE B 22 -0.96 -17.62 -19.20
CA ILE B 22 0.12 -18.09 -18.33
C ILE B 22 -0.14 -17.64 -16.90
N GLU B 23 -0.23 -18.62 -15.99
CA GLU B 23 -0.36 -18.33 -14.57
C GLU B 23 0.99 -18.54 -13.92
N GLY B 24 1.63 -17.44 -13.48
CA GLY B 24 2.92 -17.48 -12.80
C GLY B 24 2.97 -16.47 -11.65
N ARG B 25 4.00 -15.63 -11.62
CA ARG B 25 3.95 -14.53 -10.67
C ARG B 25 2.81 -13.59 -11.09
N TRP B 26 2.51 -13.53 -12.39
CA TRP B 26 1.35 -12.77 -12.84
C TRP B 26 0.41 -13.70 -13.59
N ILE B 27 -0.80 -13.20 -13.88
CA ILE B 27 -1.66 -13.87 -14.84
C ILE B 27 -1.65 -13.12 -16.17
N VAL B 28 -1.11 -13.78 -17.21
CA VAL B 28 -0.81 -13.16 -18.49
C VAL B 28 -1.78 -13.68 -19.56
N PHE B 29 -2.38 -12.74 -20.31
CA PHE B 29 -3.34 -13.04 -21.36
C PHE B 29 -2.79 -12.46 -22.65
N GLN B 30 -2.29 -13.35 -23.52
CA GLN B 30 -1.51 -12.98 -24.70
C GLN B 30 -2.39 -13.19 -25.94
N PRO B 31 -2.68 -12.12 -26.71
CA PRO B 31 -3.44 -12.28 -27.94
C PRO B 31 -2.54 -13.09 -28.88
N LEU B 32 -3.09 -14.19 -29.40
CA LEU B 32 -2.30 -15.12 -30.18
C LEU B 32 -2.22 -14.71 -31.65
N ALA B 33 -3.04 -13.74 -32.08
CA ALA B 33 -3.26 -13.48 -33.50
C ALA B 33 -2.54 -12.21 -33.96
N ALA B 34 -3.24 -11.07 -33.96
CA ALA B 34 -2.62 -9.81 -34.35
C ALA B 34 -2.39 -8.98 -33.10
N PRO B 35 -1.26 -9.20 -32.37
CA PRO B 35 -1.00 -8.52 -31.11
C PRO B 35 -0.74 -7.02 -31.31
N ARG B 36 -1.55 -6.20 -30.63
CA ARG B 36 -1.32 -4.75 -30.62
C ARG B 36 -0.10 -4.42 -29.77
N SER B 37 0.30 -3.15 -29.86
CA SER B 37 1.55 -2.66 -29.29
C SER B 37 1.32 -1.94 -27.95
N THR B 38 0.06 -1.94 -27.49
CA THR B 38 -0.37 -1.39 -26.21
C THR B 38 -0.68 -2.53 -25.25
N GLY B 39 -0.11 -2.47 -24.05
CA GLY B 39 -0.44 -3.46 -23.02
C GLY B 39 -1.21 -2.82 -21.87
N PHE B 40 -1.98 -3.65 -21.14
CA PHE B 40 -2.77 -3.24 -20.01
C PHE B 40 -2.28 -3.96 -18.75
N ILE B 41 -1.77 -3.20 -17.77
CA ILE B 41 -1.41 -3.76 -16.47
C ILE B 41 -2.59 -3.55 -15.52
N PHE B 42 -3.12 -4.66 -14.95
CA PHE B 42 -4.34 -4.61 -14.18
C PHE B 42 -4.09 -5.02 -12.74
N TYR B 43 -4.50 -4.13 -11.79
CA TYR B 43 -4.38 -4.35 -10.36
C TYR B 43 -5.72 -4.82 -9.79
N PRO B 44 -5.79 -5.99 -9.13
CA PRO B 44 -7.05 -6.48 -8.53
C PRO B 44 -7.55 -5.62 -7.37
N GLY B 45 -8.87 -5.69 -7.10
CA GLY B 45 -9.41 -5.22 -5.84
C GLY B 45 -8.67 -5.82 -4.64
N GLY B 46 -8.58 -5.04 -3.55
CA GLY B 46 -8.02 -5.53 -2.30
C GLY B 46 -8.88 -6.68 -1.78
N ARG B 47 -8.26 -7.82 -1.50
CA ARG B 47 -9.02 -8.98 -1.07
C ARG B 47 -9.99 -9.51 -2.15
N VAL B 48 -9.72 -9.27 -3.43
CA VAL B 48 -10.27 -10.16 -4.45
C VAL B 48 -9.15 -11.02 -5.03
N ASP B 49 -9.41 -12.34 -5.08
CA ASP B 49 -8.53 -13.28 -5.72
C ASP B 49 -8.31 -12.82 -7.16
N PRO B 50 -7.04 -12.64 -7.61
CA PRO B 50 -6.73 -12.15 -8.96
C PRO B 50 -7.44 -12.93 -10.07
N ARG B 51 -7.69 -14.21 -9.83
CA ARG B 51 -8.33 -15.05 -10.84
C ARG B 51 -9.78 -14.61 -11.09
N ALA B 52 -10.36 -13.80 -10.19
CA ALA B 52 -11.77 -13.48 -10.35
C ALA B 52 -12.00 -12.61 -11.59
N TYR B 53 -10.92 -12.00 -12.10
CA TYR B 53 -11.00 -11.07 -13.21
C TYR B 53 -10.54 -11.70 -14.53
N ALA B 54 -10.18 -13.00 -14.50
CA ALA B 54 -9.82 -13.71 -15.73
C ALA B 54 -10.82 -13.50 -16.88
N PRO B 55 -12.16 -13.60 -16.71
CA PRO B 55 -13.08 -13.40 -17.85
C PRO B 55 -12.97 -12.02 -18.48
N GLN B 56 -12.86 -10.97 -17.67
CA GLN B 56 -12.65 -9.63 -18.22
C GLN B 56 -11.32 -9.58 -18.97
N ALA B 57 -10.24 -10.11 -18.38
CA ALA B 57 -8.95 -9.98 -19.03
C ALA B 57 -8.89 -10.77 -20.35
N ARG B 58 -9.47 -11.98 -20.35
CA ARG B 58 -9.54 -12.78 -21.57
C ARG B 58 -10.30 -12.04 -22.66
N ALA B 59 -11.45 -11.42 -22.33
CA ALA B 59 -12.26 -10.72 -23.31
C ALA B 59 -11.49 -9.51 -23.86
N ILE B 60 -10.67 -8.87 -23.02
CA ILE B 60 -9.90 -7.72 -23.50
C ILE B 60 -8.84 -8.19 -24.50
N ALA B 61 -8.21 -9.34 -24.21
CA ALA B 61 -7.14 -9.90 -25.02
C ALA B 61 -7.65 -10.40 -26.37
N GLU B 62 -8.90 -10.87 -26.41
CA GLU B 62 -9.50 -11.34 -27.66
C GLU B 62 -9.61 -10.22 -28.68
N GLN B 63 -9.45 -8.97 -28.23
CA GLN B 63 -9.53 -7.81 -29.09
C GLN B 63 -8.12 -7.35 -29.44
N GLY B 64 -7.09 -8.07 -28.95
CA GLY B 64 -5.74 -7.87 -29.45
C GLY B 64 -4.77 -7.21 -28.47
N PHE B 65 -5.22 -7.04 -27.22
CA PHE B 65 -4.41 -6.35 -26.23
C PHE B 65 -3.94 -7.33 -25.16
N LEU B 66 -2.62 -7.35 -24.97
CA LEU B 66 -2.01 -7.99 -23.82
C LEU B 66 -2.61 -7.40 -22.55
N VAL B 67 -2.99 -8.28 -21.61
CA VAL B 67 -3.44 -7.94 -20.28
C VAL B 67 -2.60 -8.70 -19.27
N VAL B 68 -1.98 -7.99 -18.34
CA VAL B 68 -1.27 -8.63 -17.25
C VAL B 68 -1.97 -8.32 -15.94
N ILE B 69 -2.65 -9.32 -15.36
CA ILE B 69 -3.21 -9.18 -14.02
C ILE B 69 -2.04 -9.36 -13.05
N THR B 70 -1.81 -8.32 -12.22
CA THR B 70 -0.61 -8.28 -11.41
C THR B 70 -0.97 -8.24 -9.92
N PRO B 71 -0.83 -9.39 -9.22
CA PRO B 71 -1.22 -9.49 -7.81
C PRO B 71 -0.47 -8.53 -6.91
N MET B 72 -1.06 -8.29 -5.73
CA MET B 72 -0.46 -7.43 -4.72
C MET B 72 0.88 -8.03 -4.32
N PRO B 73 1.89 -7.17 -4.05
CA PRO B 73 3.20 -7.64 -3.58
C PRO B 73 3.12 -8.59 -2.38
N LEU B 74 4.08 -9.52 -2.34
CA LEU B 74 4.26 -10.42 -1.20
C LEU B 74 4.86 -9.64 -0.04
N ASN B 75 5.77 -8.69 -0.37
CA ASN B 75 6.58 -7.95 0.58
C ASN B 75 6.42 -6.44 0.36
N LEU B 76 6.79 -5.66 1.38
CA LEU B 76 6.57 -4.21 1.39
C LEU B 76 7.65 -3.47 0.61
N ALA B 77 8.80 -4.09 0.37
CA ALA B 77 9.84 -3.51 -0.49
C ALA B 77 9.34 -3.41 -1.93
N VAL B 78 8.28 -4.17 -2.24
CA VAL B 78 7.67 -4.16 -3.56
C VAL B 78 6.55 -3.12 -3.57
N PHE B 79 6.90 -1.90 -3.15
CA PHE B 79 6.21 -0.73 -3.67
C PHE B 79 6.58 -0.60 -5.14
N ASP B 80 7.79 -1.04 -5.51
CA ASP B 80 8.27 -1.14 -6.89
C ASP B 80 8.96 -2.50 -7.08
N ALA B 81 2.80 -1.48 -5.24
CA ALA B 81 2.08 -0.50 -6.09
C ALA B 81 2.82 -0.21 -7.39
N ASP B 82 4.14 -0.52 -7.43
CA ASP B 82 5.01 -0.35 -8.59
C ASP B 82 5.51 -1.71 -9.10
N ARG B 83 4.78 -2.76 -8.71
CA ARG B 83 4.89 -4.09 -9.24
C ARG B 83 4.71 -4.05 -10.76
N ALA B 84 4.31 -2.88 -11.26
CA ALA B 84 4.16 -2.60 -12.68
C ALA B 84 5.50 -2.59 -13.42
N SER B 85 6.59 -2.20 -12.74
CA SER B 85 7.86 -1.99 -13.44
C SER B 85 8.47 -3.32 -13.88
N GLU B 86 8.35 -4.35 -13.03
CA GLU B 86 8.83 -5.67 -13.39
C GLU B 86 8.03 -6.21 -14.58
N VAL B 87 6.75 -5.84 -14.70
CA VAL B 87 5.91 -6.34 -15.77
C VAL B 87 6.44 -5.71 -17.06
N MET B 88 6.78 -4.43 -16.97
CA MET B 88 7.28 -3.71 -18.13
C MET B 88 8.64 -4.25 -18.60
N ALA B 89 9.49 -4.74 -17.69
CA ALA B 89 10.76 -5.38 -18.04
C ALA B 89 10.55 -6.68 -18.84
N ALA B 90 9.44 -7.39 -18.59
CA ALA B 90 9.21 -8.72 -19.12
C ALA B 90 8.61 -8.68 -20.52
N PHE B 91 8.03 -7.54 -20.90
CA PHE B 91 7.45 -7.44 -22.23
C PHE B 91 8.03 -6.22 -22.95
N PRO B 92 9.35 -6.25 -23.31
CA PRO B 92 10.02 -5.09 -23.89
C PRO B 92 9.44 -4.68 -25.26
N GLU B 93 8.75 -5.61 -25.93
CA GLU B 93 8.21 -5.32 -27.25
C GLU B 93 6.98 -4.39 -27.19
N ILE B 94 6.36 -4.22 -26.02
CA ILE B 94 5.18 -3.37 -25.88
C ILE B 94 5.63 -1.90 -25.97
N GLU B 95 4.90 -1.13 -26.78
CA GLU B 95 5.30 0.23 -27.09
C GLU B 95 4.58 1.24 -26.22
N HIS B 96 3.40 0.87 -25.69
CA HIS B 96 2.56 1.78 -24.89
C HIS B 96 1.94 0.99 -23.73
N TRP B 97 2.05 1.56 -22.51
CA TRP B 97 1.51 0.90 -21.34
C TRP B 97 0.33 1.69 -20.81
N VAL B 98 -0.76 0.97 -20.54
CA VAL B 98 -1.88 1.52 -19.77
C VAL B 98 -1.97 0.75 -18.47
N ILE B 99 -2.22 1.45 -17.36
CA ILE B 99 -2.41 0.80 -16.07
C ILE B 99 -3.86 1.05 -15.64
N GLY B 100 -4.34 0.21 -14.72
CA GLY B 100 -5.68 0.37 -14.20
C GLY B 100 -5.95 -0.71 -13.17
N GLY B 101 -7.12 -0.65 -12.55
CA GLY B 101 -7.46 -1.61 -11.52
C GLY B 101 -8.90 -1.40 -11.07
N HIS B 102 -9.36 -2.36 -10.29
CA HIS B 102 -10.68 -2.30 -9.71
C HIS B 102 -10.54 -1.88 -8.25
N SER B 103 -11.36 -0.90 -7.85
CA SER B 103 -11.52 -0.52 -6.45
C SER B 103 -10.19 0.00 -5.90
N LEU B 104 -9.74 -0.51 -4.73
CA LEU B 104 -8.41 -0.19 -4.18
C LEU B 104 -7.27 -0.40 -5.17
N GLY B 105 -7.40 -1.38 -6.07
CA GLY B 105 -6.42 -1.63 -7.11
C GLY B 105 -6.28 -0.43 -8.06
N GLY B 106 -7.43 0.18 -8.41
CA GLY B 106 -7.42 1.37 -9.23
C GLY B 106 -6.72 2.55 -8.55
N ALA B 107 -6.90 2.68 -7.23
CA ALA B 107 -6.25 3.73 -6.47
C ALA B 107 -4.74 3.56 -6.59
N MET B 108 -4.29 2.31 -6.39
CA MET B 108 -2.89 1.93 -6.46
C MET B 108 -2.33 2.20 -7.87
N ALA B 109 -3.16 1.94 -8.89
CA ALA B 109 -2.73 2.19 -10.26
C ALA B 109 -2.53 3.69 -10.50
N ALA B 110 -3.52 4.49 -10.04
CA ALA B 110 -3.43 5.93 -10.08
C ALA B 110 -2.15 6.39 -9.39
N ASN B 111 -1.78 5.70 -8.31
CA ASN B 111 -0.65 6.08 -7.49
C ASN B 111 0.64 5.89 -8.29
N PHE B 112 0.80 4.70 -8.88
CA PHE B 112 1.92 4.41 -9.77
C PHE B 112 2.05 5.48 -10.85
N ALA B 113 0.92 5.81 -11.51
CA ALA B 113 0.88 6.76 -12.62
C ALA B 113 1.33 8.15 -12.19
N HIS B 114 0.87 8.55 -10.99
CA HIS B 114 1.26 9.81 -10.39
C HIS B 114 2.77 9.84 -10.15
N ASN B 115 3.34 8.74 -9.63
CA ASN B 115 4.70 8.82 -9.10
C ASN B 115 5.75 8.48 -10.15
N HIS B 116 5.33 7.99 -11.32
CA HIS B 116 6.27 7.58 -12.36
C HIS B 116 5.90 8.24 -13.68
N ILE B 117 6.29 9.51 -13.85
CA ILE B 117 5.80 10.27 -14.99
C ILE B 117 6.38 9.67 -16.26
N GLY B 118 5.49 9.34 -17.20
CA GLY B 118 5.88 8.85 -18.52
C GLY B 118 5.99 7.33 -18.60
N ALA B 119 5.80 6.62 -17.50
CA ALA B 119 5.93 5.17 -17.58
C ALA B 119 4.65 4.52 -18.07
N VAL B 120 3.52 5.26 -17.95
CA VAL B 120 2.27 4.84 -18.58
C VAL B 120 1.72 5.99 -19.40
N GLU B 121 0.89 5.67 -20.41
CA GLU B 121 0.23 6.69 -21.22
C GLU B 121 -1.25 6.82 -20.85
N GLY B 122 -1.76 5.88 -20.04
CA GLY B 122 -3.14 5.99 -19.62
C GLY B 122 -3.43 5.25 -18.32
N VAL B 123 -4.60 5.56 -17.73
CA VAL B 123 -5.16 4.96 -16.53
C VAL B 123 -6.63 4.64 -16.79
N VAL B 124 -7.00 3.41 -16.45
CA VAL B 124 -8.37 2.93 -16.51
C VAL B 124 -8.83 2.52 -15.10
N PHE B 125 -9.88 3.17 -14.61
CA PHE B 125 -10.47 2.81 -13.34
C PHE B 125 -11.75 2.00 -13.53
N TRP B 126 -11.89 0.91 -12.76
CA TRP B 126 -13.15 0.21 -12.59
C TRP B 126 -13.61 0.44 -11.15
N ALA B 127 -14.70 1.21 -10.96
CA ALA B 127 -15.19 1.49 -9.61
C ALA B 127 -14.06 1.99 -8.68
N ALA B 128 -13.30 3.00 -9.12
CA ALA B 128 -12.10 3.45 -8.42
C ALA B 128 -11.84 4.92 -8.73
N TYR B 129 -10.95 5.53 -7.95
CA TYR B 129 -10.65 6.96 -8.06
C TYR B 129 -9.29 7.19 -7.38
N PRO B 130 -8.53 8.24 -7.76
CA PRO B 130 -7.23 8.47 -7.15
C PRO B 130 -7.42 9.06 -5.76
N ALA B 131 -6.41 8.84 -4.91
CA ALA B 131 -6.30 9.54 -3.64
C ALA B 131 -6.07 11.03 -3.90
N GLN B 132 -6.41 11.82 -2.87
CA GLN B 132 -6.16 13.25 -2.80
C GLN B 132 -4.73 13.56 -3.24
N SER B 133 -3.76 12.84 -2.66
CA SER B 133 -2.36 13.14 -2.92
C SER B 133 -1.93 12.71 -4.32
N ASP B 134 -2.78 11.94 -5.05
CA ASP B 134 -2.39 11.42 -6.35
C ASP B 134 -3.08 12.14 -7.51
N SER B 135 -3.43 13.43 -7.35
CA SER B 135 -4.19 14.12 -8.38
C SER B 135 -3.52 13.99 -9.75
N LEU B 136 -4.32 13.64 -10.77
CA LEU B 136 -3.82 13.64 -12.14
C LEU B 136 -4.47 14.79 -12.91
N ALA B 137 -5.05 15.74 -12.17
CA ALA B 137 -5.84 16.83 -12.75
C ALA B 137 -5.08 17.58 -13.84
N ASP B 138 -3.75 17.73 -13.71
CA ASP B 138 -3.03 18.45 -14.74
C ASP B 138 -2.14 17.51 -15.56
N ARG B 139 -2.39 16.18 -15.48
CA ARG B 139 -1.52 15.25 -16.20
C ARG B 139 -2.08 14.99 -17.61
N ASP B 140 -1.89 15.95 -18.51
CA ASP B 140 -2.62 15.99 -19.78
C ASP B 140 -2.06 15.01 -20.79
N ASP B 141 -0.90 14.43 -20.48
CA ASP B 141 -0.31 13.38 -21.30
C ASP B 141 -1.15 12.11 -21.22
N LEU B 142 -1.99 11.98 -20.19
CA LEU B 142 -2.60 10.70 -19.88
C LEU B 142 -4.00 10.60 -20.50
N THR B 143 -4.29 9.44 -21.09
CA THR B 143 -5.65 9.09 -21.45
C THR B 143 -6.28 8.40 -20.23
N VAL B 144 -7.41 8.94 -19.75
CA VAL B 144 -7.97 8.43 -18.51
C VAL B 144 -9.39 8.01 -18.78
N TYR B 145 -9.72 6.78 -18.38
CA TYR B 145 -11.10 6.33 -18.43
C TYR B 145 -11.51 5.89 -17.02
N SER B 146 -12.73 6.26 -16.61
CA SER B 146 -13.29 5.87 -15.33
C SER B 146 -14.65 5.22 -15.55
N ILE B 147 -14.69 3.89 -15.41
CA ILE B 147 -15.87 3.11 -15.73
C ILE B 147 -16.55 2.80 -14.40
N TYR B 148 -17.84 3.07 -14.27
CA TYR B 148 -18.44 2.91 -12.95
C TYR B 148 -19.82 2.30 -13.07
N GLY B 149 -20.25 1.57 -12.03
CA GLY B 149 -21.59 1.00 -11.96
C GLY B 149 -22.53 1.93 -11.19
N THR B 150 -23.66 2.29 -11.79
CA THR B 150 -24.47 3.37 -11.21
C THR B 150 -25.15 2.91 -9.94
N LEU B 151 -25.14 1.58 -9.66
CA LEU B 151 -25.77 1.02 -8.47
C LEU B 151 -24.72 0.49 -7.48
N ASP B 152 -23.44 0.76 -7.76
CA ASP B 152 -22.34 0.38 -6.90
C ASP B 152 -22.59 0.96 -5.51
N GLY B 153 -22.68 0.11 -4.49
CA GLY B 153 -22.96 0.60 -3.15
C GLY B 153 -21.70 0.99 -2.38
N LEU B 154 -20.53 0.59 -2.87
CA LEU B 154 -19.27 0.80 -2.16
C LEU B 154 -18.55 2.04 -2.70
N ALA B 155 -18.54 2.23 -4.02
CA ALA B 155 -18.08 3.48 -4.61
C ALA B 155 -19.24 4.07 -5.39
N THR B 156 -20.00 4.96 -4.73
CA THR B 156 -21.24 5.50 -5.26
C THR B 156 -20.94 6.46 -6.40
N PRO B 157 -21.89 6.66 -7.34
CA PRO B 157 -21.66 7.55 -8.48
C PRO B 157 -21.27 8.97 -8.05
N ASP B 158 -21.81 9.42 -6.90
CA ASP B 158 -21.45 10.70 -6.31
C ASP B 158 -19.95 10.79 -6.03
N LYS B 159 -19.34 9.75 -5.45
CA LYS B 159 -17.91 9.77 -5.20
C LYS B 159 -17.10 9.70 -6.50
N ILE B 160 -17.55 8.90 -7.47
CA ILE B 160 -16.86 8.76 -8.74
C ILE B 160 -16.84 10.14 -9.41
N GLU B 161 -18.01 10.79 -9.45
CA GLU B 161 -18.18 12.06 -10.17
C GLU B 161 -17.29 13.14 -9.55
N ALA B 162 -17.15 13.12 -8.22
CA ALA B 162 -16.37 14.13 -7.55
C ALA B 162 -14.89 13.92 -7.83
N SER B 163 -14.51 12.71 -8.27
CA SER B 163 -13.11 12.42 -8.56
C SER B 163 -12.66 13.07 -9.86
N ARG B 164 -13.61 13.67 -10.62
CA ARG B 164 -13.30 14.50 -11.76
C ARG B 164 -12.23 15.53 -11.42
N ALA B 165 -12.24 16.02 -10.18
CA ALA B 165 -11.34 17.12 -9.90
C ALA B 165 -9.93 16.59 -9.64
N LEU B 166 -9.74 15.26 -9.65
CA LEU B 166 -8.43 14.67 -9.55
C LEU B 166 -7.95 14.09 -10.88
N LEU B 167 -8.72 14.26 -11.97
CA LEU B 167 -8.42 13.63 -13.25
C LEU B 167 -8.31 14.69 -14.34
N PRO B 168 -7.64 14.44 -15.49
CA PRO B 168 -7.54 15.45 -16.55
C PRO B 168 -8.91 15.88 -17.05
N ALA B 169 -9.00 17.13 -17.52
CA ALA B 169 -10.25 17.63 -18.10
C ALA B 169 -10.77 16.71 -19.20
N THR B 170 -9.90 16.00 -19.93
CA THR B 170 -10.36 15.15 -21.03
C THR B 170 -10.72 13.71 -20.61
N ALA B 171 -10.76 13.42 -19.30
CA ALA B 171 -11.07 12.08 -18.81
C ALA B 171 -12.45 11.64 -19.30
N ARG B 172 -12.60 10.36 -19.63
CA ARG B 172 -13.87 9.81 -20.10
C ARG B 172 -14.50 8.99 -18.97
N PHE B 173 -15.70 9.42 -18.51
CA PHE B 173 -16.43 8.68 -17.49
C PHE B 173 -17.46 7.80 -18.18
N ILE B 174 -17.49 6.50 -17.86
CA ILE B 174 -18.39 5.57 -18.54
C ILE B 174 -19.34 4.96 -17.53
N PRO B 175 -20.60 5.42 -17.49
CA PRO B 175 -21.63 4.81 -16.66
C PRO B 175 -22.04 3.43 -17.15
N ILE B 176 -22.05 2.45 -16.25
CA ILE B 176 -22.71 1.18 -16.56
C ILE B 176 -24.00 1.18 -15.75
N GLU B 177 -25.08 1.57 -16.42
CA GLU B 177 -26.35 1.82 -15.77
C GLU B 177 -26.88 0.47 -15.31
N GLY B 178 -27.10 0.33 -14.00
CA GLY B 178 -27.60 -0.90 -13.43
C GLY B 178 -26.49 -1.79 -12.85
N GLY B 179 -25.23 -1.45 -13.15
CA GLY B 179 -24.12 -2.27 -12.71
C GLY B 179 -23.76 -1.95 -11.27
N ASN B 180 -23.04 -2.86 -10.59
CA ASN B 180 -22.64 -2.69 -9.20
C ASN B 180 -21.10 -2.80 -9.04
N HIS B 181 -20.63 -2.82 -7.80
CA HIS B 181 -19.21 -2.91 -7.53
C HIS B 181 -18.69 -4.30 -7.85
N ALA B 182 -19.42 -5.31 -7.37
CA ALA B 182 -18.93 -6.68 -7.39
C ALA B 182 -18.82 -7.25 -8.81
N GLN B 183 -19.70 -6.83 -9.74
CA GLN B 183 -19.73 -7.42 -11.08
C GLN B 183 -18.60 -6.92 -12.00
N PHE B 184 -17.59 -6.24 -11.41
CA PHE B 184 -16.39 -5.89 -12.14
C PHE B 184 -15.43 -7.07 -12.16
N GLY B 185 -15.80 -8.15 -11.45
CA GLY B 185 -15.12 -9.43 -11.44
C GLY B 185 -16.13 -10.56 -11.26
N TRP B 186 -15.64 -11.79 -11.04
CA TRP B 186 -16.52 -12.93 -10.88
C TRP B 186 -16.23 -13.62 -9.55
N TYR B 187 -16.68 -13.03 -8.44
CA TYR B 187 -16.45 -13.54 -7.11
C TYR B 187 -17.78 -13.47 -6.35
N GLY B 188 -17.77 -13.26 -5.05
CA GLY B 188 -19.10 -13.25 -4.43
C GLY B 188 -20.08 -12.17 -4.93
N GLU B 189 -21.19 -12.01 -4.18
CA GLU B 189 -21.71 -10.69 -3.91
C GLU B 189 -20.69 -10.09 -2.95
N GLN B 190 -20.84 -8.80 -2.61
CA GLN B 190 -19.87 -8.11 -1.79
C GLN B 190 -20.60 -7.24 -0.77
N PRO B 191 -20.24 -7.36 0.52
CA PRO B 191 -20.79 -6.53 1.58
C PRO B 191 -20.60 -5.04 1.35
N GLY B 192 -21.67 -4.27 1.53
CA GLY B 192 -21.62 -2.84 1.24
C GLY B 192 -22.24 -2.52 -0.11
N ASP B 193 -22.29 -3.53 -1.00
CA ASP B 193 -22.67 -3.36 -2.41
C ASP B 193 -24.19 -3.48 -2.57
N ASN B 194 -24.72 -2.97 -3.69
CA ASN B 194 -26.15 -3.11 -3.99
C ASN B 194 -26.34 -4.16 -5.08
N PRO B 195 -27.53 -4.82 -5.16
CA PRO B 195 -27.86 -5.74 -6.25
C PRO B 195 -27.85 -4.98 -7.58
N ALA B 196 -27.27 -5.60 -8.62
CA ALA B 196 -27.30 -5.06 -9.98
C ALA B 196 -28.66 -5.39 -10.58
N THR B 197 -29.07 -4.63 -11.61
CA THR B 197 -30.27 -4.91 -12.39
C THR B 197 -29.89 -5.37 -13.78
N ILE B 198 -28.58 -5.49 -14.05
CA ILE B 198 -28.07 -6.14 -15.25
C ILE B 198 -27.27 -7.34 -14.79
N SER B 199 -27.22 -8.38 -15.63
CA SER B 199 -26.43 -9.57 -15.33
C SER B 199 -24.94 -9.24 -15.40
N ARG B 200 -24.13 -10.15 -14.85
CA ARG B 200 -22.68 -10.09 -14.92
C ARG B 200 -22.24 -9.97 -16.37
N ALA B 201 -22.96 -10.70 -17.24
CA ALA B 201 -22.60 -10.81 -18.65
C ALA B 201 -22.68 -9.42 -19.29
N GLN B 202 -23.79 -8.71 -19.06
CA GLN B 202 -23.95 -7.40 -19.66
C GLN B 202 -22.90 -6.44 -19.09
N GLN B 203 -22.71 -6.44 -17.76
CA GLN B 203 -21.72 -5.61 -17.07
C GLN B 203 -20.29 -5.86 -17.55
N GLN B 204 -19.92 -7.14 -17.68
CA GLN B 204 -18.65 -7.49 -18.29
C GLN B 204 -18.49 -6.83 -19.67
N GLN B 205 -19.51 -7.00 -20.52
CA GLN B 205 -19.40 -6.58 -21.91
C GLN B 205 -19.05 -5.10 -21.93
N MET B 206 -19.81 -4.33 -21.16
CA MET B 206 -19.64 -2.89 -21.22
C MET B 206 -18.29 -2.52 -20.60
N THR B 207 -17.88 -3.24 -19.54
CA THR B 207 -16.56 -3.03 -18.97
C THR B 207 -15.49 -3.29 -20.02
N VAL B 208 -15.67 -4.35 -20.80
CA VAL B 208 -14.64 -4.75 -21.76
C VAL B 208 -14.57 -3.75 -22.89
N ASP B 209 -15.74 -3.32 -23.38
CA ASP B 209 -15.78 -2.49 -24.58
C ASP B 209 -15.13 -1.14 -24.27
N ALA B 210 -15.35 -0.65 -23.05
CA ALA B 210 -14.88 0.67 -22.64
C ALA B 210 -13.36 0.65 -22.40
N THR B 211 -12.87 -0.43 -21.79
CA THR B 211 -11.44 -0.61 -21.57
C THR B 211 -10.75 -0.70 -22.93
N VAL B 212 -11.35 -1.44 -23.88
CA VAL B 212 -10.71 -1.69 -25.17
C VAL B 212 -10.62 -0.35 -25.90
N GLU B 213 -11.70 0.44 -25.81
CA GLU B 213 -11.72 1.76 -26.39
C GLU B 213 -10.56 2.58 -25.86
N ALA B 214 -10.33 2.55 -24.55
CA ALA B 214 -9.22 3.29 -23.95
C ALA B 214 -7.89 2.80 -24.51
N LEU B 215 -7.70 1.47 -24.57
CA LEU B 215 -6.43 0.92 -25.05
C LEU B 215 -6.20 1.29 -26.51
N ALA B 216 -7.28 1.26 -27.31
CA ALA B 216 -7.24 1.63 -28.72
C ALA B 216 -6.93 3.11 -28.86
N VAL B 217 -7.42 3.91 -27.92
CA VAL B 217 -7.15 5.34 -28.04
C VAL B 217 -5.66 5.55 -27.80
N VAL B 218 -5.09 4.79 -26.88
CA VAL B 218 -3.67 4.92 -26.60
C VAL B 218 -2.84 4.35 -27.76
N ASP B 219 -3.31 3.24 -28.34
CA ASP B 219 -2.65 2.55 -29.44
C ASP B 219 -2.77 3.41 -30.71
#